data_5X94
#
_entry.id   5X94
#
_cell.length_a   28.184
_cell.length_b   121.968
_cell.length_c   72.171
_cell.angle_alpha   90.00
_cell.angle_beta   101.26
_cell.angle_gamma   90.00
#
_symmetry.space_group_name_H-M   'P 1 21 1'
#
loop_
_entity.id
_entity.type
_entity.pdbx_description
1 polymer 'Tyrosine-protein phosphatase non-receptor type 11'
2 polymer 'Cag pathogenicity island protein'
3 water water
#
loop_
_entity_poly.entity_id
_entity_poly.type
_entity_poly.pdbx_seq_one_letter_code
_entity_poly.pdbx_strand_id
1 'polypeptide(L)'
;(MSE)TSRRWFHPNITGVEAENLLLTRGVDGSFLARPSKSNPGDFTLSVRRNGAVTHIKIQNTGDYYDLYGGEKFATLAE
LVQYY(MSE)EHHGQLKEKNGDVIELKYPLNCADPTSERWFHGHLSGKEAEKLLTEKGKHGSFLVRESQSHPGDFVLSVR
TGDDKGESNDGKSKVTHV(MSE)IRCQELKYDVGGGERFDSLTDLVEHYKKNP(MSE)VETLGTVLQLKQPLNTTR
;
A,B
2 'polypeptide(L)' ASPEPI(PTR)ATIDFD L,M,N,O
#
# COMPACT_ATOMS: atom_id res chain seq x y z
N ARG A 4 4.66 -3.92 7.46
CA ARG A 4 4.12 -3.93 8.81
C ARG A 4 3.43 -5.28 8.96
N ARG A 5 2.69 -5.68 7.92
CA ARG A 5 1.73 -6.78 8.09
C ARG A 5 2.42 -8.08 8.51
N TRP A 6 3.52 -8.45 7.82
CA TRP A 6 4.33 -9.65 8.12
C TRP A 6 5.18 -9.53 9.41
N PHE A 7 5.09 -8.48 10.22
CA PHE A 7 5.76 -8.42 11.51
C PHE A 7 4.84 -8.96 12.59
N HIS A 8 5.41 -9.71 13.52
CA HIS A 8 4.68 -10.40 14.59
C HIS A 8 5.33 -10.02 15.91
N PRO A 9 4.68 -9.23 16.76
CA PRO A 9 5.42 -8.54 17.83
C PRO A 9 5.84 -9.42 18.99
N ASN A 10 5.16 -10.54 19.24
CA ASN A 10 5.31 -11.25 20.50
C ASN A 10 5.27 -12.76 20.29
N ILE A 11 6.13 -13.25 19.41
CA ILE A 11 6.21 -14.68 19.16
C ILE A 11 7.66 -15.12 19.25
N THR A 12 7.84 -16.40 19.58
CA THR A 12 9.15 -17.03 19.69
C THR A 12 9.50 -17.71 18.38
N GLY A 13 10.73 -18.23 18.32
CA GLY A 13 11.16 -18.93 17.11
C GLY A 13 10.38 -20.19 16.81
N VAL A 14 9.88 -20.85 17.87
CA VAL A 14 9.15 -22.11 17.79
C VAL A 14 7.71 -21.87 17.33
N GLU A 15 7.08 -20.80 17.84
CA GLU A 15 5.77 -20.40 17.32
C GLU A 15 5.87 -19.88 15.91
N ALA A 16 7.02 -19.32 15.53
CA ALA A 16 7.24 -18.87 14.15
C ALA A 16 7.36 -20.06 13.21
N GLU A 17 8.20 -21.05 13.57
CA GLU A 17 8.26 -22.28 12.78
C GLU A 17 6.89 -22.92 12.65
N ASN A 18 6.21 -23.14 13.78
CA ASN A 18 4.91 -23.82 13.70
C ASN A 18 3.89 -23.01 12.90
N LEU A 19 3.95 -21.68 12.99
CA LEU A 19 3.16 -20.83 12.08
C LEU A 19 3.53 -21.11 10.62
N LEU A 20 4.83 -21.15 10.33
CA LEU A 20 5.28 -21.21 8.94
C LEU A 20 4.95 -22.57 8.31
N LEU A 21 4.85 -23.60 9.14
CA LEU A 21 4.49 -24.93 8.66
C LEU A 21 2.99 -25.13 8.58
N THR A 22 2.21 -24.49 9.46
CA THR A 22 0.77 -24.66 9.36
C THR A 22 0.17 -23.72 8.31
N ARG A 23 0.31 -22.40 8.49
CA ARG A 23 -0.30 -21.44 7.57
C ARG A 23 0.61 -21.01 6.45
N GLY A 24 1.87 -21.44 6.46
CA GLY A 24 2.82 -21.04 5.45
C GLY A 24 2.93 -22.06 4.33
N VAL A 25 3.68 -21.63 3.30
CA VAL A 25 4.14 -22.45 2.20
C VAL A 25 5.64 -22.19 2.06
N ASP A 26 6.26 -22.83 1.06
CA ASP A 26 7.65 -22.55 0.77
C ASP A 26 7.80 -21.15 0.22
N GLY A 27 8.76 -20.38 0.74
CA GLY A 27 8.87 -18.98 0.44
C GLY A 27 8.15 -18.06 1.40
N SER A 28 7.33 -18.60 2.30
CA SER A 28 6.72 -17.80 3.34
C SER A 28 7.80 -17.34 4.33
N PHE A 29 7.58 -16.14 4.87
CA PHE A 29 8.49 -15.56 5.83
C PHE A 29 7.71 -14.65 6.77
N LEU A 30 8.37 -14.29 7.86
CA LEU A 30 7.85 -13.32 8.82
C LEU A 30 9.04 -12.67 9.50
N ALA A 31 8.80 -11.49 10.06
CA ALA A 31 9.74 -10.86 10.97
C ALA A 31 9.18 -10.92 12.38
N ARG A 32 10.07 -10.96 13.36
CA ARG A 32 9.70 -10.90 14.76
C ARG A 32 10.90 -10.39 15.54
N PRO A 33 10.70 -9.91 16.76
CA PRO A 33 11.84 -9.63 17.63
C PRO A 33 12.68 -10.88 17.89
N SER A 34 13.90 -10.65 18.37
CA SER A 34 14.80 -11.73 18.76
C SER A 34 14.55 -12.08 20.22
N LYS A 35 14.29 -13.36 20.46
CA LYS A 35 14.16 -13.84 21.83
C LYS A 35 15.51 -14.18 22.43
N SER A 36 16.41 -14.78 21.63
CA SER A 36 17.74 -15.10 22.13
C SER A 36 18.53 -13.85 22.48
N ASN A 37 18.12 -12.70 22.00
CA ASN A 37 18.93 -11.50 22.12
C ASN A 37 18.09 -10.28 21.79
N PRO A 38 17.32 -9.77 22.74
CA PRO A 38 16.60 -8.52 22.53
C PRO A 38 17.55 -7.33 22.72
N GLY A 39 17.34 -6.23 22.00
CA GLY A 39 16.32 -6.14 21.00
C GLY A 39 16.89 -6.12 19.60
N ASP A 40 17.26 -7.28 19.11
CA ASP A 40 17.52 -7.51 17.72
C ASP A 40 16.28 -8.18 17.12
N PHE A 41 16.35 -8.54 15.85
CA PHE A 41 15.17 -9.10 15.19
C PHE A 41 15.57 -10.35 14.43
N THR A 42 14.57 -11.01 13.86
CA THR A 42 14.78 -12.28 13.20
C THR A 42 13.83 -12.38 12.02
N LEU A 43 14.39 -12.77 10.88
CA LEU A 43 13.63 -13.24 9.72
C LEU A 43 13.46 -14.74 9.85
N SER A 44 12.23 -15.19 10.03
CA SER A 44 11.93 -16.61 9.98
C SER A 44 11.30 -16.91 8.63
N VAL A 45 11.87 -17.88 7.90
CA VAL A 45 11.51 -18.12 6.51
C VAL A 45 11.39 -19.62 6.29
N ARG A 46 10.50 -20.00 5.38
CA ARG A 46 10.25 -21.39 5.04
C ARG A 46 10.78 -21.68 3.65
N ARG A 47 11.55 -22.75 3.55
CA ARG A 47 12.02 -23.24 2.26
C ARG A 47 12.06 -24.73 2.34
N ASN A 48 11.64 -25.39 1.26
CA ASN A 48 11.72 -26.85 1.16
C ASN A 48 11.09 -27.56 2.34
N GLY A 49 10.04 -26.98 2.93
CA GLY A 49 9.37 -27.60 4.03
C GLY A 49 10.02 -27.44 5.39
N ALA A 50 11.17 -26.77 5.48
CA ALA A 50 11.86 -26.50 6.75
C ALA A 50 11.92 -25.00 7.00
N VAL A 51 12.23 -24.62 8.25
CA VAL A 51 12.20 -23.22 8.68
C VAL A 51 13.59 -22.81 9.13
N THR A 52 14.05 -21.65 8.65
CA THR A 52 15.34 -21.06 9.00
C THR A 52 15.12 -19.69 9.61
N HIS A 53 16.04 -19.28 10.47
CA HIS A 53 15.97 -17.96 11.10
C HIS A 53 17.25 -17.19 10.82
N ILE A 54 17.11 -15.89 10.58
CA ILE A 54 18.20 -15.00 10.22
C ILE A 54 18.24 -13.86 11.22
N LYS A 55 19.39 -13.63 11.82
CA LYS A 55 19.56 -12.53 12.75
C LYS A 55 19.53 -11.19 12.02
N ILE A 56 18.86 -10.20 12.62
CA ILE A 56 18.89 -8.82 12.17
C ILE A 56 19.45 -7.98 13.30
N GLN A 57 20.50 -7.20 12.99
CA GLN A 57 21.16 -6.34 13.96
C GLN A 57 20.50 -4.98 14.00
N ASN A 58 20.21 -4.50 15.20
CA ASN A 58 19.80 -3.12 15.43
C ASN A 58 20.85 -2.45 16.33
N THR A 59 21.74 -1.65 15.70
CA THR A 59 22.66 -0.80 16.44
C THR A 59 21.96 0.38 17.11
N GLY A 60 20.87 0.87 16.53
CA GLY A 60 20.31 2.15 16.94
C GLY A 60 20.29 3.14 15.79
N ASP A 61 21.32 3.12 14.94
CA ASP A 61 21.35 3.94 13.73
C ASP A 61 20.88 3.20 12.48
N TYR A 62 20.95 1.87 12.46
CA TYR A 62 20.60 1.11 11.26
C TYR A 62 20.28 -0.33 11.63
N TYR A 63 19.74 -1.03 10.63
CA TYR A 63 19.43 -2.46 10.65
C TYR A 63 20.20 -3.12 9.51
N ASP A 64 20.86 -4.24 9.79
CA ASP A 64 21.48 -5.07 8.74
C ASP A 64 21.35 -6.52 9.17
N LEU A 65 21.72 -7.43 8.26
CA LEU A 65 21.87 -8.84 8.60
C LEU A 65 23.29 -9.14 9.05
N TYR A 66 23.78 -8.30 9.99
CA TYR A 66 25.15 -8.34 10.49
C TYR A 66 26.16 -8.25 9.36
N GLY A 67 25.76 -7.57 8.30
CA GLY A 67 26.57 -7.38 7.11
C GLY A 67 25.67 -6.96 5.97
N GLY A 68 26.29 -6.67 4.84
CA GLY A 68 25.53 -6.38 3.64
C GLY A 68 25.08 -4.94 3.61
N GLU A 69 23.83 -4.69 3.26
CA GLU A 69 23.31 -3.33 3.18
C GLU A 69 22.82 -2.86 4.54
N LYS A 70 22.94 -1.55 4.77
CA LYS A 70 22.46 -0.90 6.00
C LYS A 70 21.20 -0.12 5.69
N PHE A 71 20.19 -0.28 6.55
CA PHE A 71 18.87 0.32 6.38
C PHE A 71 18.46 1.02 7.66
N ALA A 72 17.79 2.17 7.53
CA ALA A 72 17.34 2.92 8.70
C ALA A 72 16.26 2.17 9.47
N THR A 73 15.40 1.43 8.78
CA THR A 73 14.25 0.81 9.42
C THR A 73 14.23 -0.68 9.10
N LEU A 74 13.40 -1.40 9.86
CA LEU A 74 13.24 -2.83 9.67
C LEU A 74 12.46 -3.16 8.41
N ALA A 75 11.43 -2.36 8.10
CA ALA A 75 10.64 -2.58 6.90
C ALA A 75 11.44 -2.33 5.63
N GLU A 76 12.36 -1.35 5.63
CA GLU A 76 13.18 -1.12 4.46
C GLU A 76 14.13 -2.27 4.20
N LEU A 77 14.60 -2.92 5.26
CA LEU A 77 15.49 -4.07 5.13
C LEU A 77 14.73 -5.25 4.57
N VAL A 78 13.57 -5.56 5.16
CA VAL A 78 12.76 -6.67 4.66
C VAL A 78 12.33 -6.40 3.22
N GLN A 79 11.76 -5.23 2.96
CA GLN A 79 11.37 -4.88 1.59
C GLN A 79 12.52 -5.07 0.62
N TYR A 80 13.71 -4.61 1.01
CA TYR A 80 14.87 -4.77 0.14
C TYR A 80 15.11 -6.24 -0.17
N TYR A 81 15.20 -7.08 0.86
CA TYR A 81 15.50 -8.48 0.64
C TYR A 81 14.36 -9.27 0.01
N MSE A 82 13.14 -8.72 -0.02
CA MSE A 82 12.07 -9.27 -0.82
C MSE A 82 12.26 -8.92 -2.29
O MSE A 82 12.05 -9.74 -3.16
CB MSE A 82 10.71 -8.75 -0.36
CG MSE A 82 10.26 -9.19 1.02
SE MSE A 82 8.60 -8.28 1.61
CE MSE A 82 7.39 -9.11 0.31
N GLU A 83 12.65 -7.68 -2.57
CA GLU A 83 12.74 -7.26 -3.97
C GLU A 83 14.01 -7.81 -4.63
N HIS A 84 15.11 -7.93 -3.91
CA HIS A 84 16.40 -8.29 -4.51
C HIS A 84 16.76 -9.72 -4.18
N HIS A 85 15.93 -10.65 -4.69
CA HIS A 85 16.21 -12.07 -4.63
C HIS A 85 17.63 -12.34 -5.13
N GLY A 86 18.31 -13.27 -4.46
CA GLY A 86 19.71 -13.58 -4.71
C GLY A 86 20.67 -12.92 -3.75
N GLN A 87 20.30 -11.77 -3.18
CA GLN A 87 21.20 -10.99 -2.33
C GLN A 87 21.43 -11.62 -0.97
N LEU A 88 20.70 -12.68 -0.65
CA LEU A 88 20.65 -13.28 0.68
C LEU A 88 21.09 -14.75 0.55
N LYS A 89 22.40 -14.97 0.69
CA LYS A 89 23.03 -16.25 0.39
C LYS A 89 23.64 -16.84 1.66
N GLU A 90 23.38 -18.12 1.90
CA GLU A 90 24.15 -18.83 2.91
C GLU A 90 25.57 -19.04 2.40
N LYS A 91 26.45 -19.52 3.28
CA LYS A 91 27.84 -19.73 2.90
C LYS A 91 27.98 -20.85 1.85
N ASN A 92 27.12 -21.87 1.92
CA ASN A 92 27.25 -23.00 1.00
C ASN A 92 27.00 -22.59 -0.45
N GLY A 93 25.99 -21.76 -0.69
CA GLY A 93 25.69 -21.33 -2.02
C GLY A 93 24.20 -21.18 -2.27
N ASP A 94 23.40 -21.75 -1.36
CA ASP A 94 21.96 -21.75 -1.51
C ASP A 94 21.39 -20.39 -1.13
N VAL A 95 20.59 -19.84 -2.01
CA VAL A 95 19.93 -18.55 -1.82
C VAL A 95 18.61 -18.79 -1.12
N ILE A 96 18.19 -17.82 -0.31
CA ILE A 96 16.93 -17.87 0.44
C ILE A 96 15.98 -16.83 -0.13
N GLU A 97 14.75 -17.23 -0.39
CA GLU A 97 13.77 -16.40 -1.10
C GLU A 97 12.71 -15.89 -0.14
N LEU A 98 12.50 -14.57 -0.17
CA LEU A 98 11.41 -13.96 0.60
C LEU A 98 10.29 -13.69 -0.39
N LYS A 99 9.38 -14.63 -0.51
CA LYS A 99 8.32 -14.52 -1.50
C LYS A 99 6.98 -14.16 -0.90
N TYR A 100 6.47 -14.93 0.06
CA TYR A 100 5.13 -14.69 0.56
C TYR A 100 5.16 -14.24 2.01
N PRO A 101 4.84 -12.99 2.33
CA PRO A 101 4.73 -12.62 3.73
C PRO A 101 3.65 -13.44 4.42
N LEU A 102 3.88 -13.76 5.69
CA LEU A 102 2.88 -14.46 6.51
C LEU A 102 2.31 -13.45 7.47
N ASN A 103 1.11 -12.95 7.14
CA ASN A 103 0.49 -11.86 7.89
C ASN A 103 0.01 -12.30 9.25
N CYS A 104 0.23 -11.46 10.25
CA CYS A 104 -0.29 -11.69 11.60
C CYS A 104 -1.81 -11.78 11.54
N ALA A 105 -2.38 -12.77 12.23
CA ALA A 105 -3.83 -12.95 12.20
C ALA A 105 -4.30 -13.70 13.45
N ASP A 106 -5.59 -14.01 13.47
CA ASP A 106 -6.21 -14.73 14.58
C ASP A 106 -5.65 -16.14 14.69
N PRO A 107 -5.82 -16.79 15.85
CA PRO A 107 -5.46 -18.21 15.94
C PRO A 107 -6.24 -19.11 14.99
N THR A 108 -7.53 -18.83 14.76
CA THR A 108 -8.29 -19.47 13.69
C THR A 108 -9.15 -18.44 12.97
N SER A 109 -9.55 -18.80 11.75
CA SER A 109 -10.56 -18.07 11.01
C SER A 109 -11.94 -18.70 11.15
N GLU A 110 -12.04 -19.79 11.90
CA GLU A 110 -13.31 -20.49 12.08
C GLU A 110 -14.33 -19.63 12.81
N ARG A 111 -15.59 -19.81 12.46
CA ARG A 111 -16.64 -18.93 12.96
C ARG A 111 -16.99 -19.17 14.43
N TRP A 112 -16.76 -20.36 14.97
CA TRP A 112 -17.00 -20.61 16.38
C TRP A 112 -15.96 -19.99 17.28
N PHE A 113 -15.08 -19.16 16.73
CA PHE A 113 -14.08 -18.45 17.50
C PHE A 113 -14.57 -17.02 17.70
N HIS A 114 -14.91 -16.68 18.93
CA HIS A 114 -15.47 -15.38 19.21
C HIS A 114 -14.45 -14.35 19.64
N GLY A 115 -13.24 -14.76 19.98
CA GLY A 115 -12.19 -13.80 20.31
C GLY A 115 -12.34 -13.29 21.71
N HIS A 116 -12.32 -11.97 21.89
CA HIS A 116 -12.56 -11.40 23.20
C HIS A 116 -14.02 -11.58 23.55
N LEU A 117 -14.30 -12.45 24.52
CA LEU A 117 -15.67 -12.79 24.91
C LEU A 117 -15.57 -13.50 26.25
N SER A 118 -16.20 -12.93 27.26
CA SER A 118 -16.01 -13.42 28.61
C SER A 118 -16.95 -14.58 28.88
N GLY A 119 -16.70 -15.27 29.99
CA GLY A 119 -17.52 -16.43 30.31
C GLY A 119 -18.96 -16.10 30.63
N LYS A 120 -19.21 -14.91 31.20
CA LYS A 120 -20.58 -14.55 31.52
C LYS A 120 -21.37 -14.18 30.27
N GLU A 121 -20.76 -13.44 29.33
CA GLU A 121 -21.42 -13.13 28.07
C GLU A 121 -21.48 -14.34 27.14
N ALA A 122 -20.48 -15.24 27.21
CA ALA A 122 -20.54 -16.46 26.41
C ALA A 122 -21.60 -17.41 26.97
N GLU A 123 -21.64 -17.55 28.28
CA GLU A 123 -22.75 -18.21 28.95
C GLU A 123 -24.09 -17.63 28.51
N LYS A 124 -24.17 -16.30 28.40
CA LYS A 124 -25.43 -15.67 28.00
C LYS A 124 -25.86 -16.10 26.60
N LEU A 125 -24.98 -15.91 25.60
CA LEU A 125 -25.33 -16.33 24.24
C LEU A 125 -25.69 -17.81 24.20
N LEU A 126 -24.90 -18.64 24.88
CA LEU A 126 -25.15 -20.08 24.86
C LEU A 126 -26.45 -20.45 25.55
N THR A 127 -26.96 -19.61 26.46
CA THR A 127 -28.28 -19.86 27.02
C THR A 127 -29.36 -19.51 26.02
N GLU A 128 -29.37 -18.27 25.53
CA GLU A 128 -30.52 -17.80 24.78
C GLU A 128 -30.36 -17.98 23.28
N LYS A 129 -29.34 -18.70 22.85
CA LYS A 129 -29.14 -19.05 21.44
C LYS A 129 -28.50 -20.41 21.25
N GLY A 130 -27.80 -20.94 22.24
CA GLY A 130 -27.26 -22.27 22.15
C GLY A 130 -28.30 -23.32 22.52
N LYS A 131 -28.21 -24.46 21.84
CA LYS A 131 -28.94 -25.66 22.17
C LYS A 131 -27.94 -26.71 22.66
N HIS A 132 -28.45 -27.85 23.09
CA HIS A 132 -27.61 -28.92 23.58
C HIS A 132 -26.54 -29.28 22.55
N GLY A 133 -25.27 -28.94 22.85
CA GLY A 133 -24.16 -29.25 21.96
C GLY A 133 -23.57 -28.04 21.27
N SER A 134 -24.20 -26.88 21.40
CA SER A 134 -23.63 -25.65 20.87
C SER A 134 -22.36 -25.29 21.65
N PHE A 135 -21.31 -24.90 20.92
CA PHE A 135 -20.04 -24.61 21.55
C PHE A 135 -19.34 -23.50 20.79
N LEU A 136 -18.30 -22.97 21.43
CA LEU A 136 -17.46 -21.94 20.84
C LEU A 136 -16.12 -21.93 21.57
N VAL A 137 -15.14 -21.33 20.93
CA VAL A 137 -13.83 -21.14 21.54
C VAL A 137 -13.60 -19.63 21.62
N ARG A 138 -12.93 -19.20 22.69
CA ARG A 138 -12.81 -17.80 23.04
C ARG A 138 -11.54 -17.60 23.84
N GLU A 139 -11.00 -16.38 23.80
CA GLU A 139 -9.78 -16.09 24.53
C GLU A 139 -10.04 -16.22 26.02
N SER A 140 -9.00 -16.56 26.77
CA SER A 140 -9.11 -16.59 28.23
C SER A 140 -8.82 -15.21 28.80
N GLN A 141 -9.63 -14.80 29.75
CA GLN A 141 -9.41 -13.52 30.39
C GLN A 141 -8.78 -13.64 31.77
N SER A 142 -8.67 -14.86 32.30
CA SER A 142 -7.90 -15.07 33.52
C SER A 142 -6.51 -15.62 33.24
N HIS A 143 -6.27 -16.10 32.02
CA HIS A 143 -4.95 -16.56 31.60
C HIS A 143 -4.69 -16.03 30.19
N PRO A 144 -4.20 -14.78 30.09
CA PRO A 144 -3.86 -14.20 28.78
C PRO A 144 -2.96 -15.09 27.95
N GLY A 145 -3.27 -15.20 26.66
CA GLY A 145 -2.59 -16.08 25.74
C GLY A 145 -3.21 -17.46 25.59
N ASP A 146 -4.18 -17.81 26.43
CA ASP A 146 -4.82 -19.12 26.41
C ASP A 146 -6.30 -18.96 26.06
N PHE A 147 -6.99 -20.09 25.88
CA PHE A 147 -8.32 -20.11 25.30
C PHE A 147 -9.27 -20.91 26.20
N VAL A 148 -10.52 -20.99 25.78
CA VAL A 148 -11.60 -21.61 26.54
C VAL A 148 -12.65 -22.12 25.55
N LEU A 149 -13.03 -23.38 25.73
CA LEU A 149 -14.14 -23.97 25.00
C LEU A 149 -15.37 -23.95 25.89
N SER A 150 -16.40 -23.22 25.46
CA SER A 150 -17.66 -23.12 26.15
C SER A 150 -18.71 -23.96 25.40
N VAL A 151 -19.40 -24.82 26.14
CA VAL A 151 -20.27 -25.87 25.62
C VAL A 151 -21.61 -25.77 26.34
N ARG A 152 -22.68 -26.14 25.64
CA ARG A 152 -23.99 -26.27 26.27
C ARG A 152 -24.31 -27.75 26.44
N THR A 153 -24.42 -28.19 27.70
CA THR A 153 -24.78 -29.56 28.04
C THR A 153 -26.14 -29.52 28.74
N GLY A 154 -27.20 -29.36 27.94
CA GLY A 154 -28.55 -29.26 28.46
C GLY A 154 -29.19 -30.56 28.91
N SER A 165 -29.13 -28.15 32.78
CA SER A 165 -29.35 -27.48 31.49
C SER A 165 -28.45 -26.25 31.32
N LYS A 166 -27.14 -26.45 31.51
CA LYS A 166 -26.22 -25.34 31.70
C LYS A 166 -25.03 -25.33 30.72
N VAL A 167 -24.03 -24.50 31.03
CA VAL A 167 -22.90 -24.25 30.14
C VAL A 167 -21.61 -24.60 30.88
N THR A 168 -20.69 -25.24 30.17
CA THR A 168 -19.40 -25.60 30.72
C THR A 168 -18.29 -24.85 30.00
N HIS A 169 -17.23 -24.51 30.76
CA HIS A 169 -16.03 -23.91 30.22
C HIS A 169 -14.85 -24.83 30.46
N VAL A 170 -13.99 -24.98 29.46
CA VAL A 170 -12.85 -25.87 29.54
C VAL A 170 -11.66 -25.09 29.02
N MSE A 171 -10.75 -24.72 29.92
CA MSE A 171 -9.53 -24.05 29.56
C MSE A 171 -8.71 -24.83 28.56
O MSE A 171 -8.31 -25.94 28.82
CB MSE A 171 -8.68 -23.79 30.80
CG MSE A 171 -7.51 -22.89 30.54
SE MSE A 171 -8.15 -21.06 30.54
CE MSE A 171 -8.20 -20.78 32.47
N ILE A 172 -8.45 -24.19 27.43
CA ILE A 172 -7.57 -24.70 26.38
C ILE A 172 -6.23 -23.99 26.52
N ARG A 173 -5.19 -24.73 26.87
CA ARG A 173 -3.86 -24.12 27.01
C ARG A 173 -3.16 -24.02 25.67
N CYS A 174 -2.30 -23.00 25.57
CA CYS A 174 -1.48 -22.74 24.40
C CYS A 174 -0.07 -22.46 24.90
N GLN A 175 0.89 -23.25 24.44
CA GLN A 175 2.23 -23.21 24.99
C GLN A 175 3.27 -22.67 24.02
N GLU A 176 3.23 -23.12 22.77
CA GLU A 176 4.07 -22.57 21.71
C GLU A 176 3.34 -22.71 20.39
N LEU A 177 2.07 -22.24 20.37
CA LEU A 177 1.12 -22.46 19.29
C LEU A 177 0.73 -23.94 19.21
N LYS A 178 0.50 -24.54 20.38
CA LYS A 178 0.16 -25.95 20.54
C LYS A 178 -0.89 -26.02 21.64
N TYR A 179 -2.03 -26.65 21.33
CA TYR A 179 -3.25 -26.47 22.09
C TYR A 179 -3.74 -27.79 22.68
N ASP A 180 -4.05 -27.79 23.97
CA ASP A 180 -4.69 -28.93 24.61
C ASP A 180 -5.65 -28.45 25.69
N VAL A 181 -6.49 -29.38 26.15
CA VAL A 181 -7.50 -29.10 27.16
C VAL A 181 -7.01 -29.66 28.50
N GLY A 182 -5.86 -29.17 28.96
CA GLY A 182 -5.30 -29.61 30.22
C GLY A 182 -4.61 -30.95 30.17
N GLY A 183 -4.10 -31.35 29.02
CA GLY A 183 -3.48 -32.64 28.86
C GLY A 183 -4.11 -33.41 27.71
N GLY A 184 -3.54 -34.60 27.47
CA GLY A 184 -3.95 -35.42 26.36
C GLY A 184 -3.20 -34.99 25.12
N GLU A 185 -3.81 -35.10 23.95
CA GLU A 185 -3.12 -34.70 22.73
C GLU A 185 -2.98 -33.19 22.64
N ARG A 186 -1.91 -32.74 21.98
CA ARG A 186 -1.65 -31.34 21.72
C ARG A 186 -1.74 -31.09 20.23
N PHE A 187 -2.73 -30.31 19.83
CA PHE A 187 -2.99 -30.11 18.42
C PHE A 187 -2.22 -28.91 17.91
N ASP A 188 -1.96 -28.93 16.59
CA ASP A 188 -1.22 -27.89 15.90
C ASP A 188 -2.04 -26.63 15.68
N SER A 189 -3.36 -26.71 15.84
CA SER A 189 -4.24 -25.55 15.68
C SER A 189 -5.50 -25.78 16.54
N LEU A 190 -6.32 -24.73 16.64
CA LEU A 190 -7.59 -24.88 17.35
C LEU A 190 -8.57 -25.74 16.58
N THR A 191 -8.43 -25.78 15.25
CA THR A 191 -9.34 -26.55 14.42
C THR A 191 -9.17 -28.04 14.65
N ASP A 192 -7.92 -28.53 14.66
CA ASP A 192 -7.68 -29.95 14.88
C ASP A 192 -8.24 -30.40 16.22
N LEU A 193 -8.08 -29.55 17.24
CA LEU A 193 -8.60 -29.85 18.57
C LEU A 193 -10.12 -29.95 18.53
N VAL A 194 -10.78 -28.96 17.91
CA VAL A 194 -12.24 -28.98 17.90
C VAL A 194 -12.78 -30.18 17.12
N GLU A 195 -12.17 -30.51 15.98
CA GLU A 195 -12.65 -31.63 15.17
C GLU A 195 -12.40 -32.96 15.87
N HIS A 196 -11.18 -33.16 16.39
CA HIS A 196 -10.88 -34.36 17.15
C HIS A 196 -11.86 -34.56 18.29
N TYR A 197 -12.16 -33.49 19.03
CA TYR A 197 -13.08 -33.62 20.15
C TYR A 197 -14.55 -33.50 19.74
N LYS A 198 -14.83 -33.23 18.45
CA LYS A 198 -16.15 -33.48 17.90
C LYS A 198 -16.37 -34.97 17.71
N LYS A 199 -15.44 -35.62 17.02
CA LYS A 199 -15.51 -37.08 16.91
C LYS A 199 -15.42 -37.76 18.26
N ASN A 200 -14.68 -37.18 19.21
CA ASN A 200 -14.27 -37.87 20.44
C ASN A 200 -14.63 -37.07 21.68
N PRO A 201 -15.94 -36.92 22.00
CA PRO A 201 -16.37 -36.26 23.23
C PRO A 201 -15.46 -36.45 24.43
N MSE A 202 -15.28 -35.39 25.20
CA MSE A 202 -14.40 -35.41 26.35
C MSE A 202 -15.27 -35.51 27.58
O MSE A 202 -16.37 -34.99 27.59
CB MSE A 202 -13.54 -34.17 26.39
CG MSE A 202 -14.32 -32.90 26.19
SE MSE A 202 -13.28 -31.30 26.44
CE MSE A 202 -12.15 -31.33 24.85
N VAL A 203 -14.78 -36.16 28.62
CA VAL A 203 -15.58 -36.45 29.79
C VAL A 203 -15.03 -35.63 30.96
N GLU A 204 -15.89 -34.77 31.50
CA GLU A 204 -15.55 -33.91 32.62
C GLU A 204 -15.42 -34.74 33.89
N THR A 205 -14.62 -34.24 34.85
CA THR A 205 -14.31 -35.00 36.06
C THR A 205 -15.57 -35.42 36.81
N LEU A 206 -16.58 -34.54 36.87
CA LEU A 206 -17.82 -34.81 37.59
C LEU A 206 -18.89 -35.43 36.71
N GLY A 207 -18.48 -36.14 35.65
CA GLY A 207 -19.37 -37.03 34.93
C GLY A 207 -19.95 -36.49 33.65
N THR A 208 -20.29 -35.20 33.62
CA THR A 208 -20.84 -34.57 32.44
C THR A 208 -19.98 -34.90 31.21
N VAL A 209 -20.61 -35.41 30.17
CA VAL A 209 -19.91 -35.63 28.91
C VAL A 209 -20.24 -34.48 27.98
N LEU A 210 -19.19 -33.91 27.40
CA LEU A 210 -19.21 -32.62 26.76
C LEU A 210 -19.14 -32.83 25.25
N GLN A 211 -20.27 -33.21 24.66
CA GLN A 211 -20.33 -33.38 23.21
C GLN A 211 -20.33 -32.03 22.50
N LEU A 212 -19.80 -32.02 21.29
CA LEU A 212 -19.74 -30.81 20.49
C LEU A 212 -20.57 -31.06 19.25
N LYS A 213 -21.85 -30.67 19.29
CA LYS A 213 -22.75 -30.95 18.17
C LYS A 213 -22.70 -29.84 17.13
N GLN A 214 -22.92 -28.59 17.54
CA GLN A 214 -23.00 -27.49 16.59
C GLN A 214 -22.30 -26.22 17.05
N PRO A 215 -21.38 -25.66 16.26
CA PRO A 215 -20.74 -24.40 16.64
C PRO A 215 -21.72 -23.24 16.66
N LEU A 216 -21.66 -22.44 17.72
CA LEU A 216 -22.42 -21.19 17.76
C LEU A 216 -21.55 -20.11 17.11
N ASN A 217 -21.64 -20.03 15.78
CA ASN A 217 -20.84 -19.10 15.00
C ASN A 217 -21.10 -17.66 15.42
N THR A 218 -20.06 -16.84 15.31
CA THR A 218 -20.22 -15.41 15.50
C THR A 218 -20.92 -14.83 14.27
N THR A 219 -21.79 -13.84 14.50
CA THR A 219 -22.53 -13.25 13.38
C THR A 219 -21.58 -12.46 12.47
N SER B 3 -4.60 4.73 -5.73
CA SER B 3 -3.39 3.95 -5.59
C SER B 3 -2.30 4.43 -6.55
N ARG B 4 -2.65 4.71 -7.80
CA ARG B 4 -1.62 4.89 -8.80
C ARG B 4 -1.96 5.90 -9.91
N ARG B 5 -3.24 6.27 -10.06
CA ARG B 5 -3.60 7.23 -11.10
C ARG B 5 -3.38 8.67 -10.65
N TRP B 6 -3.91 9.06 -9.47
CA TRP B 6 -3.72 10.39 -8.89
C TRP B 6 -2.30 10.65 -8.45
N PHE B 7 -1.36 9.72 -8.66
CA PHE B 7 0.04 9.94 -8.29
C PHE B 7 0.82 10.36 -9.52
N HIS B 8 1.33 11.59 -9.51
CA HIS B 8 2.14 12.13 -10.59
C HIS B 8 3.62 12.01 -10.23
N PRO B 9 4.38 11.12 -10.86
CA PRO B 9 5.76 10.88 -10.40
C PRO B 9 6.72 12.04 -10.60
N ASN B 10 6.43 13.01 -11.47
CA ASN B 10 7.43 14.03 -11.77
C ASN B 10 7.08 15.42 -11.26
N ILE B 11 5.80 15.78 -11.29
CA ILE B 11 5.45 17.18 -11.34
C ILE B 11 5.97 17.97 -10.13
N THR B 12 6.08 19.28 -10.33
CA THR B 12 6.55 20.23 -9.35
C THR B 12 5.37 20.84 -8.61
N GLY B 13 5.66 21.67 -7.62
CA GLY B 13 4.59 22.35 -6.92
C GLY B 13 3.80 23.21 -7.87
N VAL B 14 4.47 24.14 -8.54
CA VAL B 14 3.81 25.07 -9.46
C VAL B 14 3.12 24.31 -10.59
N GLU B 15 3.73 23.20 -11.05
CA GLU B 15 3.10 22.37 -12.08
C GLU B 15 1.83 21.71 -11.55
N ALA B 16 1.89 21.17 -10.33
CA ALA B 16 0.69 20.64 -9.67
C ALA B 16 -0.42 21.69 -9.58
N GLU B 17 -0.08 22.90 -9.14
CA GLU B 17 -1.08 23.96 -9.07
C GLU B 17 -1.66 24.27 -10.43
N ASN B 18 -0.84 24.18 -11.48
CA ASN B 18 -1.31 24.54 -12.81
C ASN B 18 -2.22 23.46 -13.38
N LEU B 19 -1.91 22.20 -13.10
CA LEU B 19 -2.80 21.09 -13.45
C LEU B 19 -4.13 21.20 -12.73
N LEU B 20 -4.09 21.46 -11.42
CA LEU B 20 -5.32 21.56 -10.66
C LEU B 20 -6.12 22.81 -11.03
N LEU B 21 -5.46 23.90 -11.41
CA LEU B 21 -6.15 25.09 -11.83
C LEU B 21 -6.72 25.00 -13.25
N THR B 22 -6.14 24.16 -14.11
CA THR B 22 -6.57 24.01 -15.50
C THR B 22 -7.48 22.79 -15.73
N ARG B 23 -7.11 21.63 -15.19
CA ARG B 23 -7.92 20.43 -15.30
C ARG B 23 -8.66 20.07 -14.03
N GLY B 24 -8.30 20.66 -12.91
CA GLY B 24 -9.02 20.39 -11.70
C GLY B 24 -10.22 21.26 -11.57
N VAL B 25 -11.05 20.93 -10.60
CA VAL B 25 -12.16 21.75 -10.16
C VAL B 25 -12.04 21.86 -8.65
N ASP B 26 -12.83 22.76 -8.06
CA ASP B 26 -12.80 22.89 -6.60
C ASP B 26 -13.04 21.53 -5.98
N GLY B 27 -12.02 20.97 -5.33
CA GLY B 27 -12.11 19.68 -4.69
C GLY B 27 -11.22 18.62 -5.28
N SER B 28 -10.65 18.86 -6.46
CA SER B 28 -9.70 17.93 -7.04
C SER B 28 -8.43 17.90 -6.18
N PHE B 29 -7.60 16.88 -6.40
CA PHE B 29 -6.36 16.74 -5.67
C PHE B 29 -5.42 15.83 -6.45
N LEU B 30 -4.14 15.84 -6.04
CA LEU B 30 -3.15 14.89 -6.55
C LEU B 30 -2.04 14.68 -5.51
N ALA B 31 -1.17 13.70 -5.81
CA ALA B 31 -0.01 13.36 -5.00
C ALA B 31 1.26 13.39 -5.85
N ARG B 32 2.32 13.89 -5.27
CA ARG B 32 3.56 14.08 -6.03
C ARG B 32 4.76 13.85 -5.12
N PRO B 33 5.95 13.68 -5.69
CA PRO B 33 7.16 13.68 -4.86
C PRO B 33 7.46 15.07 -4.29
N SER B 34 8.04 15.06 -3.09
CA SER B 34 8.46 16.29 -2.47
C SER B 34 9.62 16.90 -3.25
N LYS B 35 9.52 18.20 -3.51
CA LYS B 35 10.58 18.95 -4.12
C LYS B 35 11.48 19.65 -3.11
N SER B 36 10.94 19.99 -1.94
CA SER B 36 11.71 20.64 -0.90
C SER B 36 12.23 19.66 0.13
N ASN B 37 12.09 18.38 -0.13
CA ASN B 37 12.52 17.38 0.81
C ASN B 37 12.46 16.03 0.12
N PRO B 38 13.35 15.79 -0.85
CA PRO B 38 13.42 14.50 -1.50
C PRO B 38 13.91 13.40 -0.52
N GLY B 39 13.05 12.44 -0.19
CA GLY B 39 11.73 12.36 -0.75
C GLY B 39 10.64 12.03 0.26
N ASP B 40 10.06 13.07 0.86
CA ASP B 40 8.73 12.93 1.43
C ASP B 40 7.75 12.89 0.26
N PHE B 41 6.46 13.12 0.48
CA PHE B 41 5.55 13.37 -0.63
C PHE B 41 4.75 14.63 -0.33
N THR B 42 3.99 15.08 -1.32
CA THR B 42 3.13 16.23 -1.14
C THR B 42 1.76 15.96 -1.73
N LEU B 43 0.72 16.44 -1.03
CA LEU B 43 -0.64 16.46 -1.55
C LEU B 43 -0.97 17.87 -2.02
N SER B 44 -1.33 18.00 -3.29
CA SER B 44 -1.89 19.25 -3.77
C SER B 44 -3.41 19.12 -3.83
N VAL B 45 -4.09 20.17 -3.39
CA VAL B 45 -5.55 20.24 -3.33
C VAL B 45 -5.96 21.58 -3.91
N ARG B 46 -7.04 21.60 -4.69
CA ARG B 46 -7.72 22.82 -5.10
C ARG B 46 -8.93 23.01 -4.21
N ARG B 47 -9.03 24.18 -3.60
CA ARG B 47 -10.03 24.50 -2.60
C ARG B 47 -10.44 25.94 -2.84
N ASN B 48 -11.71 26.15 -3.20
CA ASN B 48 -12.23 27.50 -3.44
C ASN B 48 -11.46 28.25 -4.53
N GLY B 49 -10.89 27.51 -5.48
CA GLY B 49 -10.14 28.13 -6.54
C GLY B 49 -8.69 28.43 -6.23
N ALA B 50 -8.15 27.92 -5.13
CA ALA B 50 -6.75 28.09 -4.81
C ALA B 50 -6.14 26.72 -4.56
N VAL B 51 -4.83 26.67 -4.41
CA VAL B 51 -4.14 25.40 -4.23
C VAL B 51 -3.37 25.43 -2.91
N THR B 52 -3.56 24.39 -2.09
CA THR B 52 -2.79 24.20 -0.88
C THR B 52 -2.08 22.85 -0.95
N HIS B 53 -0.95 22.76 -0.27
CA HIS B 53 -0.12 21.55 -0.31
C HIS B 53 0.11 21.06 1.11
N ILE B 54 0.02 19.75 1.30
CA ILE B 54 0.13 19.11 2.60
C ILE B 54 1.34 18.18 2.59
N LYS B 55 2.29 18.47 3.48
CA LYS B 55 3.49 17.66 3.61
C LYS B 55 3.12 16.26 4.03
N ILE B 56 3.75 15.27 3.38
CA ILE B 56 3.53 13.86 3.68
C ILE B 56 4.85 13.26 4.15
N GLN B 57 4.91 12.90 5.41
CA GLN B 57 6.10 12.27 5.97
C GLN B 57 6.27 10.85 5.43
N ASN B 58 7.43 10.58 4.83
CA ASN B 58 7.86 9.24 4.46
C ASN B 58 9.03 8.87 5.35
N THR B 59 8.85 7.89 6.23
CA THR B 59 9.86 7.55 7.22
C THR B 59 10.58 6.24 6.92
N GLY B 60 10.18 5.53 5.86
CA GLY B 60 10.54 4.14 5.69
C GLY B 60 9.77 3.19 6.58
N ASP B 61 9.10 3.67 7.60
CA ASP B 61 8.29 2.77 8.40
C ASP B 61 6.80 3.10 8.31
N TYR B 62 6.44 4.36 8.02
CA TYR B 62 5.04 4.72 7.77
C TYR B 62 4.94 6.02 6.97
N TYR B 63 3.69 6.43 6.77
CA TYR B 63 3.30 7.71 6.21
C TYR B 63 2.30 8.35 7.15
N ASP B 64 2.46 9.66 7.36
CA ASP B 64 1.39 10.46 7.93
C ASP B 64 1.60 11.88 7.43
N LEU B 65 0.69 12.76 7.84
CA LEU B 65 0.80 14.19 7.53
C LEU B 65 1.50 14.93 8.66
N TYR B 66 2.60 14.35 9.15
CA TYR B 66 3.31 14.86 10.32
C TYR B 66 2.39 14.92 11.53
N GLY B 67 1.84 13.75 11.85
CA GLY B 67 0.85 13.60 12.91
C GLY B 67 -0.42 12.95 12.41
N GLY B 68 -1.21 12.40 13.32
CA GLY B 68 -2.44 11.73 12.95
C GLY B 68 -2.23 10.27 12.64
N GLU B 69 -3.17 9.70 11.89
CA GLU B 69 -3.13 8.28 11.60
C GLU B 69 -1.95 7.93 10.70
N LYS B 70 -1.21 6.89 11.07
CA LYS B 70 -0.08 6.41 10.29
C LYS B 70 -0.51 5.23 9.44
N PHE B 71 0.08 5.12 8.25
CA PHE B 71 -0.28 4.04 7.33
C PHE B 71 0.97 3.45 6.71
N ALA B 72 0.87 2.16 6.37
CA ALA B 72 2.02 1.44 5.83
C ALA B 72 2.37 1.87 4.41
N THR B 73 1.41 2.44 3.69
CA THR B 73 1.55 2.78 2.28
C THR B 73 1.00 4.18 2.08
N LEU B 74 1.20 4.73 0.87
CA LEU B 74 0.67 6.04 0.52
C LEU B 74 -0.73 5.94 -0.07
N ALA B 75 -1.00 4.92 -0.89
CA ALA B 75 -2.34 4.66 -1.39
C ALA B 75 -3.34 4.52 -0.25
N GLU B 76 -2.92 3.89 0.85
CA GLU B 76 -3.81 3.77 2.01
C GLU B 76 -4.04 5.11 2.68
N LEU B 77 -3.01 5.93 2.81
CA LEU B 77 -3.17 7.25 3.41
C LEU B 77 -4.19 8.08 2.64
N VAL B 78 -4.02 8.17 1.32
CA VAL B 78 -4.94 8.95 0.52
C VAL B 78 -6.34 8.36 0.58
N GLN B 79 -6.47 7.06 0.35
CA GLN B 79 -7.79 6.43 0.45
C GLN B 79 -8.45 6.72 1.79
N TYR B 80 -7.65 6.76 2.87
CA TYR B 80 -8.21 6.96 4.19
C TYR B 80 -8.78 8.36 4.35
N TYR B 81 -8.14 9.36 3.73
CA TYR B 81 -8.65 10.71 3.87
C TYR B 81 -9.67 11.11 2.80
N MSE B 82 -9.77 10.37 1.70
CA MSE B 82 -10.83 10.57 0.70
C MSE B 82 -12.21 10.31 1.29
O MSE B 82 -13.14 11.09 1.09
CB MSE B 82 -10.62 9.68 -0.51
CG MSE B 82 -9.41 9.99 -1.35
SE MSE B 82 -9.22 8.63 -2.72
CE MSE B 82 -10.94 8.81 -3.57
N GLU B 83 -12.34 9.17 1.99
CA GLU B 83 -13.41 8.99 2.96
C GLU B 83 -12.94 9.59 4.29
N HIS B 84 -13.75 9.47 5.34
CA HIS B 84 -13.44 10.12 6.61
C HIS B 84 -13.29 11.63 6.43
N HIS B 85 -14.19 12.21 5.63
CA HIS B 85 -14.21 13.65 5.42
C HIS B 85 -14.37 14.40 6.74
N GLY B 86 -13.71 15.55 6.84
CA GLY B 86 -13.82 16.42 7.99
C GLY B 86 -12.59 16.49 8.86
N GLN B 87 -11.66 15.55 8.74
CA GLN B 87 -10.56 15.41 9.69
C GLN B 87 -9.24 16.01 9.17
N LEU B 88 -9.32 16.93 8.22
CA LEU B 88 -8.15 17.73 7.87
C LEU B 88 -8.35 19.19 8.27
N LYS B 89 -8.67 19.42 9.53
CA LYS B 89 -8.79 20.78 10.02
C LYS B 89 -7.45 21.49 9.91
N GLU B 90 -7.49 22.71 9.37
CA GLU B 90 -6.32 23.57 9.29
C GLU B 90 -6.09 24.27 10.63
N LYS B 91 -4.93 24.90 10.76
CA LYS B 91 -4.71 25.82 11.86
C LYS B 91 -5.72 26.96 11.83
N ASN B 92 -6.08 27.41 10.62
CA ASN B 92 -7.13 28.42 10.47
C ASN B 92 -8.46 27.92 10.99
N GLY B 93 -8.73 26.63 10.81
CA GLY B 93 -10.04 26.03 11.08
C GLY B 93 -10.67 25.46 9.82
N ASP B 94 -10.26 25.97 8.66
CA ASP B 94 -10.72 25.41 7.40
C ASP B 94 -10.60 23.90 7.39
N VAL B 95 -11.51 23.26 6.66
CA VAL B 95 -11.41 21.84 6.39
C VAL B 95 -10.88 21.68 4.97
N ILE B 96 -10.25 20.52 4.69
CA ILE B 96 -9.75 20.16 3.37
C ILE B 96 -10.47 18.89 2.93
N GLU B 97 -10.99 18.87 1.70
CA GLU B 97 -11.60 17.65 1.19
C GLU B 97 -10.91 17.17 -0.09
N LEU B 98 -10.91 15.85 -0.24
CA LEU B 98 -10.19 15.14 -1.30
C LEU B 98 -11.19 14.38 -2.15
N LYS B 99 -11.94 15.10 -2.99
CA LYS B 99 -13.08 14.48 -3.67
C LYS B 99 -12.78 14.06 -5.11
N TYR B 100 -12.04 14.82 -5.88
CA TYR B 100 -11.85 14.45 -7.28
C TYR B 100 -10.40 14.12 -7.56
N PRO B 101 -10.06 12.84 -7.69
CA PRO B 101 -8.70 12.48 -8.12
C PRO B 101 -8.40 13.08 -9.48
N LEU B 102 -7.27 13.78 -9.58
CA LEU B 102 -6.75 14.24 -10.85
C LEU B 102 -5.67 13.24 -11.27
N ASN B 103 -5.98 12.41 -12.28
CA ASN B 103 -5.08 11.37 -12.71
C ASN B 103 -3.95 11.94 -13.55
N CYS B 104 -2.81 11.25 -13.52
CA CYS B 104 -1.77 11.46 -14.51
C CYS B 104 -2.36 11.35 -15.91
N ALA B 105 -1.90 12.19 -16.83
CA ALA B 105 -2.39 12.14 -18.20
C ALA B 105 -1.36 12.81 -19.11
N ASP B 106 -1.76 13.01 -20.44
CA ASP B 106 -1.05 13.71 -21.50
C ASP B 106 -1.34 15.20 -21.44
N PRO B 107 -0.38 16.04 -21.83
CA PRO B 107 -0.55 17.49 -21.68
C PRO B 107 -1.81 18.04 -22.31
N THR B 108 -2.43 17.34 -23.27
CA THR B 108 -3.62 17.84 -23.93
C THR B 108 -4.42 16.67 -24.50
N SER B 109 -5.74 16.77 -24.40
CA SER B 109 -6.61 15.75 -24.97
C SER B 109 -6.80 15.94 -26.46
N GLU B 110 -6.43 17.11 -26.99
CA GLU B 110 -6.72 17.45 -28.37
C GLU B 110 -6.00 16.50 -29.33
N ARG B 111 -6.66 16.23 -30.43
CA ARG B 111 -6.31 15.11 -31.27
C ARG B 111 -5.16 15.41 -32.23
N TRP B 112 -4.82 16.68 -32.44
CA TRP B 112 -3.66 17.02 -33.25
C TRP B 112 -2.35 16.89 -32.48
N PHE B 113 -2.39 16.29 -31.29
CA PHE B 113 -1.21 16.01 -30.49
C PHE B 113 -0.78 14.57 -30.78
N HIS B 114 0.38 14.41 -31.41
CA HIS B 114 0.84 13.10 -31.85
C HIS B 114 1.80 12.43 -30.88
N GLY B 115 2.13 13.07 -29.76
CA GLY B 115 3.01 12.48 -28.76
C GLY B 115 4.42 12.21 -29.23
N HIS B 116 4.84 10.94 -29.17
CA HIS B 116 6.19 10.54 -29.54
C HIS B 116 6.27 10.46 -31.07
N LEU B 117 7.04 11.35 -31.68
CA LEU B 117 7.05 11.48 -33.13
C LEU B 117 8.27 12.27 -33.59
N SER B 118 9.03 11.71 -34.52
CA SER B 118 10.28 12.34 -34.91
C SER B 118 10.00 13.47 -35.89
N GLY B 119 10.96 14.40 -35.97
CA GLY B 119 10.88 15.45 -36.98
C GLY B 119 10.78 14.89 -38.38
N LYS B 120 11.41 13.74 -38.63
CA LYS B 120 11.32 13.10 -39.94
C LYS B 120 9.95 12.47 -40.16
N GLU B 121 9.40 11.80 -39.14
CA GLU B 121 8.06 11.22 -39.23
C GLU B 121 7.03 12.32 -39.45
N ALA B 122 7.15 13.43 -38.74
CA ALA B 122 6.21 14.52 -38.97
C ALA B 122 6.39 15.11 -40.36
N GLU B 123 7.63 15.30 -40.80
CA GLU B 123 7.84 15.75 -42.17
C GLU B 123 7.23 14.78 -43.17
N LYS B 124 7.16 13.51 -42.83
CA LYS B 124 6.59 12.53 -43.74
C LYS B 124 5.06 12.63 -43.77
N LEU B 125 4.42 12.71 -42.59
CA LEU B 125 2.97 12.78 -42.54
C LEU B 125 2.46 14.08 -43.14
N LEU B 126 3.13 15.19 -42.85
CA LEU B 126 2.68 16.46 -43.40
C LEU B 126 3.07 16.61 -44.87
N THR B 127 4.17 16.00 -45.30
CA THR B 127 4.48 16.04 -46.73
C THR B 127 3.47 15.21 -47.51
N GLU B 128 3.23 13.98 -47.08
CA GLU B 128 2.35 13.09 -47.80
C GLU B 128 0.89 13.48 -47.65
N LYS B 129 0.36 13.43 -46.43
CA LYS B 129 -1.07 13.56 -46.19
C LYS B 129 -1.54 15.00 -46.00
N GLY B 130 -0.70 15.89 -45.46
CA GLY B 130 -1.15 17.24 -45.20
C GLY B 130 -1.14 18.11 -46.43
N LYS B 131 -1.74 19.29 -46.27
CA LYS B 131 -1.71 20.36 -47.26
C LYS B 131 -1.11 21.60 -46.62
N HIS B 132 -1.03 22.68 -47.39
CA HIS B 132 -0.63 23.95 -46.80
C HIS B 132 -1.53 24.28 -45.61
N GLY B 133 -0.91 24.67 -44.50
CA GLY B 133 -1.62 25.01 -43.28
C GLY B 133 -1.85 23.87 -42.34
N SER B 134 -1.63 22.63 -42.77
CA SER B 134 -1.65 21.50 -41.84
C SER B 134 -0.54 21.62 -40.81
N PHE B 135 -0.84 21.21 -39.58
CA PHE B 135 0.10 21.29 -38.49
C PHE B 135 -0.23 20.18 -37.51
N LEU B 136 0.75 19.85 -36.67
CA LEU B 136 0.56 18.91 -35.57
C LEU B 136 1.42 19.36 -34.41
N VAL B 137 1.17 18.77 -33.27
CA VAL B 137 1.93 19.06 -32.06
C VAL B 137 2.44 17.74 -31.51
N ARG B 138 3.76 17.63 -31.39
CA ARG B 138 4.42 16.42 -30.95
C ARG B 138 5.38 16.76 -29.82
N GLU B 139 6.07 15.75 -29.32
CA GLU B 139 7.09 15.93 -28.30
C GLU B 139 8.46 16.13 -28.93
N SER B 140 9.32 16.83 -28.21
CA SER B 140 10.69 17.08 -28.67
C SER B 140 11.59 15.90 -28.36
N GLN B 141 12.33 15.45 -29.38
CA GLN B 141 13.35 14.42 -29.16
C GLN B 141 14.70 15.03 -28.83
N SER B 142 15.00 16.23 -29.34
CA SER B 142 16.23 16.91 -28.97
C SER B 142 16.18 17.35 -27.52
N HIS B 143 15.13 18.09 -27.16
CA HIS B 143 14.95 18.62 -25.82
C HIS B 143 13.78 17.92 -25.15
N PRO B 144 14.01 16.85 -24.39
CA PRO B 144 12.91 16.18 -23.71
C PRO B 144 12.21 17.09 -22.70
N GLY B 145 10.88 16.97 -22.66
CA GLY B 145 10.04 17.80 -21.84
C GLY B 145 9.36 18.94 -22.57
N ASP B 146 9.87 19.32 -23.73
CA ASP B 146 9.28 20.36 -24.55
C ASP B 146 8.52 19.75 -25.72
N PHE B 147 7.91 20.61 -26.53
CA PHE B 147 7.07 20.12 -27.61
C PHE B 147 7.47 20.85 -28.89
N VAL B 148 6.95 20.35 -30.01
CA VAL B 148 7.29 20.88 -31.32
C VAL B 148 6.01 20.97 -32.14
N LEU B 149 5.79 22.11 -32.76
CA LEU B 149 4.71 22.32 -33.71
C LEU B 149 5.26 22.12 -35.13
N SER B 150 4.73 21.13 -35.85
CA SER B 150 5.14 20.85 -37.21
C SER B 150 4.13 21.45 -38.17
N VAL B 151 4.61 22.25 -39.14
CA VAL B 151 3.74 23.04 -40.00
C VAL B 151 4.17 22.90 -41.47
N ARG B 152 3.23 22.49 -42.31
CA ARG B 152 3.43 22.39 -43.75
C ARG B 152 3.24 23.74 -44.41
N THR B 153 4.17 24.10 -45.30
CA THR B 153 4.09 25.37 -46.03
C THR B 153 4.31 25.12 -47.51
N SER B 165 5.20 21.71 -50.08
CA SER B 165 6.65 21.62 -50.12
C SER B 165 7.27 21.54 -48.72
N LYS B 166 7.56 22.70 -48.12
CA LYS B 166 8.39 22.74 -46.92
C LYS B 166 7.63 22.27 -45.69
N VAL B 167 8.40 21.80 -44.71
CA VAL B 167 7.89 21.57 -43.36
C VAL B 167 8.77 22.38 -42.42
N THR B 168 8.16 23.35 -41.74
CA THR B 168 8.84 24.16 -40.74
C THR B 168 8.49 23.59 -39.37
N HIS B 169 9.51 23.37 -38.53
CA HIS B 169 9.36 22.81 -37.19
C HIS B 169 9.70 23.87 -36.16
N VAL B 170 8.76 24.14 -35.25
CA VAL B 170 8.91 25.21 -34.26
C VAL B 170 8.89 24.59 -32.87
N MSE B 171 9.95 24.84 -32.11
CA MSE B 171 9.97 24.43 -30.72
C MSE B 171 9.00 25.25 -29.86
O MSE B 171 8.99 26.46 -29.93
CB MSE B 171 11.38 24.55 -30.15
CG MSE B 171 11.52 23.91 -28.78
SE MSE B 171 11.85 21.98 -28.90
CE MSE B 171 13.69 21.99 -29.57
N ILE B 172 8.18 24.54 -29.09
CA ILE B 172 7.36 25.07 -28.00
C ILE B 172 8.06 24.77 -26.68
N ARG B 173 8.32 25.81 -25.91
CA ARG B 173 8.88 25.66 -24.57
C ARG B 173 7.76 25.47 -23.56
N CYS B 174 8.03 24.61 -22.57
CA CYS B 174 7.11 24.32 -21.47
C CYS B 174 7.86 24.48 -20.16
N GLN B 175 7.53 25.52 -19.40
CA GLN B 175 8.09 25.75 -18.07
C GLN B 175 6.96 25.93 -17.07
N GLU B 176 6.94 25.06 -16.05
CA GLU B 176 5.88 25.05 -15.03
C GLU B 176 4.51 24.90 -15.66
N LEU B 177 4.46 24.20 -16.80
CA LEU B 177 3.25 24.03 -17.60
C LEU B 177 2.74 25.36 -18.17
N LYS B 178 3.67 26.24 -18.51
CA LYS B 178 3.39 27.43 -19.29
C LYS B 178 4.19 27.35 -20.59
N TYR B 179 3.50 27.54 -21.71
CA TYR B 179 3.97 27.17 -23.03
C TYR B 179 4.15 28.41 -23.90
N ASP B 180 5.24 28.47 -24.66
CA ASP B 180 5.48 29.54 -25.61
C ASP B 180 6.13 28.95 -26.87
N VAL B 181 6.40 29.79 -27.87
CA VAL B 181 7.19 29.35 -29.03
C VAL B 181 8.53 30.06 -29.00
N GLY B 182 9.19 30.07 -27.83
CA GLY B 182 10.46 30.74 -27.69
C GLY B 182 10.36 32.23 -27.39
N GLY B 183 9.15 32.73 -27.18
CA GLY B 183 8.93 34.12 -26.92
C GLY B 183 7.44 34.33 -26.81
N GLY B 184 6.98 35.57 -27.01
CA GLY B 184 5.59 35.95 -27.06
C GLY B 184 4.87 35.66 -25.75
N GLU B 185 3.55 35.48 -25.88
CA GLU B 185 2.74 35.14 -24.72
C GLU B 185 3.07 33.73 -24.23
N ARG B 186 2.90 33.53 -22.92
CA ARG B 186 3.04 32.22 -22.31
C ARG B 186 1.66 31.75 -21.93
N PHE B 187 1.18 30.70 -22.58
CA PHE B 187 -0.16 30.18 -22.36
C PHE B 187 -0.12 29.03 -21.35
N ASP B 188 -1.30 28.75 -20.78
CA ASP B 188 -1.51 27.69 -19.81
C ASP B 188 -1.76 26.34 -20.46
N SER B 189 -1.92 26.29 -21.78
CA SER B 189 -2.22 25.04 -22.43
C SER B 189 -1.63 25.08 -23.83
N LEU B 190 -1.39 23.89 -24.38
CA LEU B 190 -1.09 23.78 -25.80
C LEU B 190 -2.27 24.26 -26.64
N THR B 191 -3.50 24.02 -26.16
CA THR B 191 -4.74 24.43 -26.81
C THR B 191 -4.84 25.95 -26.99
N ASP B 192 -4.50 26.72 -25.95
CA ASP B 192 -4.55 28.18 -26.07
C ASP B 192 -3.45 28.69 -26.99
N LEU B 193 -2.24 28.16 -26.82
CA LEU B 193 -1.15 28.49 -27.73
C LEU B 193 -1.58 28.28 -29.19
N VAL B 194 -2.20 27.12 -29.46
CA VAL B 194 -2.68 26.85 -30.82
C VAL B 194 -3.69 27.89 -31.25
N GLU B 195 -4.72 28.15 -30.43
CA GLU B 195 -5.77 29.08 -30.85
C GLU B 195 -5.22 30.48 -31.13
N HIS B 196 -4.37 30.98 -30.24
CA HIS B 196 -3.77 32.28 -30.48
C HIS B 196 -3.01 32.29 -31.81
N TYR B 197 -2.24 31.24 -32.08
CA TYR B 197 -1.43 31.29 -33.29
C TYR B 197 -2.20 30.86 -34.55
N LYS B 198 -3.43 30.36 -34.40
CA LYS B 198 -4.36 30.31 -35.53
C LYS B 198 -4.86 31.70 -35.88
N LYS B 199 -5.25 32.49 -34.87
CA LYS B 199 -5.80 33.82 -35.12
C LYS B 199 -4.72 34.89 -35.23
N ASN B 200 -3.44 34.54 -35.07
CA ASN B 200 -2.31 35.46 -35.27
C ASN B 200 -1.16 34.71 -35.89
N PRO B 201 -1.14 34.56 -37.22
CA PRO B 201 -0.10 33.74 -37.88
C PRO B 201 1.30 34.17 -37.50
N MSE B 202 2.15 33.17 -37.25
CA MSE B 202 3.52 33.47 -36.84
C MSE B 202 4.48 33.41 -38.02
O MSE B 202 4.33 32.58 -38.90
CB MSE B 202 3.97 32.49 -35.75
CG MSE B 202 3.98 31.06 -36.18
SE MSE B 202 4.62 29.90 -34.75
CE MSE B 202 2.95 29.02 -34.33
N VAL B 203 5.47 34.29 -38.01
CA VAL B 203 6.41 34.44 -39.11
C VAL B 203 7.81 34.09 -38.59
N GLU B 204 8.56 33.39 -39.42
CA GLU B 204 9.87 32.89 -39.01
C GLU B 204 10.97 33.90 -39.32
N THR B 205 12.14 33.64 -38.75
CA THR B 205 13.38 34.39 -38.95
C THR B 205 13.59 34.72 -40.42
N LEU B 206 13.24 33.77 -41.29
CA LEU B 206 13.42 33.87 -42.74
C LEU B 206 12.09 34.00 -43.49
N GLY B 207 11.05 34.52 -42.84
CA GLY B 207 9.93 35.10 -43.55
C GLY B 207 8.76 34.19 -43.90
N THR B 208 8.79 32.90 -43.56
CA THR B 208 7.67 32.04 -43.90
C THR B 208 6.55 32.23 -42.88
N VAL B 209 5.43 32.80 -43.32
CA VAL B 209 4.29 32.93 -42.43
C VAL B 209 3.73 31.55 -42.14
N LEU B 210 3.67 31.19 -40.86
CA LEU B 210 3.36 29.82 -40.46
C LEU B 210 1.89 29.72 -40.07
N GLN B 211 1.03 29.61 -41.09
CA GLN B 211 -0.41 29.56 -40.89
C GLN B 211 -0.84 28.22 -40.33
N LEU B 212 -1.79 28.27 -39.41
CA LEU B 212 -2.35 27.08 -38.79
C LEU B 212 -3.80 26.94 -39.23
N LYS B 213 -3.98 26.62 -40.52
CA LYS B 213 -5.30 26.58 -41.13
C LYS B 213 -6.11 25.37 -40.67
N GLN B 214 -5.65 24.19 -41.04
CA GLN B 214 -6.25 22.92 -40.65
C GLN B 214 -5.24 22.10 -39.86
N PRO B 215 -5.70 21.33 -38.88
CA PRO B 215 -4.80 20.42 -38.16
C PRO B 215 -4.89 18.98 -38.64
N LEU B 216 -3.81 18.22 -38.49
CA LEU B 216 -3.75 16.83 -38.92
C LEU B 216 -3.78 15.96 -37.68
N ASN B 217 -4.87 15.22 -37.51
CA ASN B 217 -5.13 14.43 -36.33
C ASN B 217 -4.45 13.06 -36.40
N THR B 218 -4.26 12.46 -35.23
CA THR B 218 -3.77 11.10 -35.20
C THR B 218 -4.89 10.14 -35.65
N THR B 219 -4.57 8.83 -35.63
CA THR B 219 -5.57 7.82 -35.93
C THR B 219 -6.42 7.53 -34.70
N ARG B 220 -7.69 7.21 -34.94
CA ARG B 220 -8.60 6.88 -33.85
C ARG B 220 -8.81 5.36 -33.75
N PRO C 5 15.36 -24.31 16.97
CA PRO C 5 15.36 -23.50 15.74
C PRO C 5 16.76 -23.35 15.15
N ILE C 6 16.87 -23.49 13.84
CA ILE C 6 18.17 -23.42 13.18
C ILE C 6 18.34 -22.03 12.59
N PTR C 7 19.48 -21.42 12.92
CA PTR C 7 19.90 -20.09 12.49
C PTR C 7 20.94 -20.04 11.38
O PTR C 7 22.05 -20.52 11.54
CB PTR C 7 20.49 -19.39 13.71
CG PTR C 7 19.44 -18.60 14.44
CD1 PTR C 7 19.32 -17.24 14.22
CD2 PTR C 7 18.54 -19.24 15.28
CE1 PTR C 7 18.35 -16.50 14.87
CE2 PTR C 7 17.54 -18.52 15.93
CZ PTR C 7 17.47 -17.15 15.72
OH PTR C 7 16.54 -16.43 16.28
P PTR C 7 16.66 -15.85 17.74
O1P PTR C 7 16.93 -17.01 18.72
O2P PTR C 7 17.84 -14.85 17.67
O3P PTR C 7 15.39 -15.19 18.07
N ALA C 8 20.56 -19.42 10.25
CA ALA C 8 21.43 -19.37 9.10
C ALA C 8 22.31 -18.14 9.12
N THR C 9 23.58 -18.35 8.85
CA THR C 9 24.54 -17.28 8.72
C THR C 9 24.52 -16.77 7.28
N ILE C 10 24.46 -15.45 7.13
CA ILE C 10 24.38 -14.81 5.84
C ILE C 10 25.78 -14.39 5.40
N ASP C 11 26.14 -14.74 4.16
CA ASP C 11 27.51 -14.57 3.68
C ASP C 11 27.61 -13.29 2.88
N PHE C 12 28.42 -12.35 3.37
CA PHE C 12 28.79 -11.16 2.60
C PHE C 12 30.30 -11.08 2.43
N ASP C 13 31.01 -12.18 2.65
CA ASP C 13 32.46 -12.22 2.50
C ASP C 13 32.81 -12.59 1.07
N ILE D 6 1.84 27.55 -1.22
CA ILE D 6 1.20 27.65 0.09
C ILE D 6 1.06 26.28 0.73
N PTR D 7 1.76 26.07 1.84
CA PTR D 7 1.65 24.81 2.60
C PTR D 7 0.86 24.93 3.90
O PTR D 7 1.31 25.53 4.88
CB PTR D 7 3.01 24.18 2.91
CG PTR D 7 3.66 23.43 1.76
CD1 PTR D 7 3.68 22.04 1.72
CD2 PTR D 7 4.26 24.12 0.72
CE1 PTR D 7 4.28 21.36 0.66
CE2 PTR D 7 4.86 23.46 -0.34
CZ PTR D 7 4.88 22.07 -0.37
OH PTR D 7 5.44 21.47 -1.41
P PTR D 7 6.79 20.57 -1.40
O1P PTR D 7 6.63 19.43 -0.38
O2P PTR D 7 7.06 19.99 -2.73
O3P PTR D 7 8.03 21.43 -1.13
N ALA D 8 -0.31 24.32 3.92
CA ALA D 8 -1.09 24.24 5.14
C ALA D 8 -0.53 23.18 6.08
N THR D 9 -0.53 23.48 7.37
CA THR D 9 -0.22 22.51 8.41
C THR D 9 -1.53 22.03 8.99
N ILE D 10 -1.87 20.76 8.76
CA ILE D 10 -3.04 20.18 9.40
C ILE D 10 -2.81 20.13 10.90
N ASP D 11 -3.86 20.36 11.67
CA ASP D 11 -3.76 20.42 13.11
C ASP D 11 -4.57 19.27 13.68
N PHE D 12 -3.89 18.39 14.42
CA PHE D 12 -4.55 17.28 15.06
C PHE D 12 -4.63 17.53 16.57
N ALA E 1 -26.63 -9.46 39.72
CA ALA E 1 -26.03 -9.78 38.43
C ALA E 1 -26.14 -11.26 38.14
N SER E 2 -25.08 -11.85 37.50
CA SER E 2 -24.96 -13.23 37.04
C SER E 2 -23.89 -13.97 37.85
N PRO E 3 -23.95 -15.29 37.94
CA PRO E 3 -23.02 -16.02 38.81
C PRO E 3 -21.68 -16.25 38.12
N GLU E 4 -20.67 -16.50 38.94
CA GLU E 4 -19.32 -16.68 38.44
C GLU E 4 -19.22 -17.95 37.59
N PRO E 5 -18.72 -17.87 36.36
CA PRO E 5 -18.51 -19.09 35.58
C PRO E 5 -17.44 -19.99 36.20
N ILE E 6 -17.75 -21.28 36.23
CA ILE E 6 -16.84 -22.29 36.74
C ILE E 6 -16.28 -23.12 35.58
N PTR E 7 -14.96 -23.19 35.52
CA PTR E 7 -14.29 -23.94 34.47
C PTR E 7 -14.27 -25.37 34.94
O PTR E 7 -14.50 -25.61 36.12
CB PTR E 7 -12.90 -23.38 34.13
CG PTR E 7 -12.98 -22.02 33.45
CD1 PTR E 7 -12.40 -21.82 32.21
CD2 PTR E 7 -13.66 -20.96 34.04
CE1 PTR E 7 -12.48 -20.58 31.58
CE2 PTR E 7 -13.75 -19.73 33.43
CZ PTR E 7 -13.15 -19.53 32.20
OH PTR E 7 -13.26 -18.37 31.63
P PTR E 7 -12.19 -17.18 31.77
O1P PTR E 7 -10.85 -17.81 31.71
O2P PTR E 7 -12.39 -16.40 33.07
O3P PTR E 7 -12.39 -16.23 30.57
N ALA E 8 -14.04 -26.32 34.04
CA ALA E 8 -14.04 -27.71 34.43
C ALA E 8 -12.69 -28.38 34.14
N THR E 9 -12.48 -29.58 34.70
CA THR E 9 -11.35 -30.44 34.40
C THR E 9 -11.82 -31.68 33.65
N ILE E 10 -11.05 -32.09 32.66
CA ILE E 10 -11.35 -33.30 31.89
C ILE E 10 -10.63 -34.48 32.50
N ASP E 11 -11.31 -35.63 32.52
CA ASP E 11 -10.73 -36.89 32.95
C ASP E 11 -10.09 -37.58 31.75
N PHE E 12 -8.76 -37.70 31.77
CA PHE E 12 -8.02 -38.34 30.70
C PHE E 12 -7.69 -39.77 31.10
N ASP E 13 -8.04 -40.72 30.24
CA ASP E 13 -7.78 -42.12 30.52
C ASP E 13 -6.36 -42.51 30.13
N PTR F 7 14.68 23.85 -37.68
CA PTR F 7 14.02 24.44 -36.51
C PTR F 7 14.09 25.96 -36.52
O PTR F 7 15.10 26.56 -36.14
CB PTR F 7 14.63 23.90 -35.21
CG PTR F 7 14.01 22.64 -34.62
CD1 PTR F 7 13.29 22.68 -33.44
CD2 PTR F 7 14.18 21.39 -35.22
CE1 PTR F 7 12.74 21.55 -32.88
CE2 PTR F 7 13.65 20.24 -34.66
CZ PTR F 7 12.91 20.32 -33.48
OH PTR F 7 12.37 19.25 -32.91
P PTR F 7 13.10 17.91 -32.37
O1P PTR F 7 12.17 16.69 -32.56
O2P PTR F 7 14.39 17.66 -33.18
O3P PTR F 7 13.38 17.95 -30.93
N ALA F 8 13.00 26.59 -36.95
CA ALA F 8 12.99 28.02 -37.20
C ALA F 8 12.90 28.84 -35.92
N THR F 9 13.09 30.16 -36.03
CA THR F 9 12.92 31.08 -34.92
C THR F 9 11.87 32.12 -35.28
N ILE F 10 10.90 32.30 -34.39
CA ILE F 10 9.78 33.19 -34.66
C ILE F 10 10.23 34.62 -34.40
N ASP F 11 10.00 35.49 -35.38
CA ASP F 11 10.20 36.91 -35.18
C ASP F 11 9.02 37.44 -34.37
N PHE F 12 9.29 37.78 -33.12
CA PHE F 12 8.31 38.45 -32.29
C PHE F 12 8.38 39.96 -32.45
N ASP F 13 9.02 40.41 -33.53
CA ASP F 13 9.00 41.79 -33.96
C ASP F 13 9.85 42.64 -33.01
#